data_6X3Y
#
_entry.id   6X3Y
#
_cell.length_a   42.393
_cell.length_b   52.698
_cell.length_c   89.439
_cell.angle_alpha   90.000
_cell.angle_beta   90.000
_cell.angle_gamma   90.000
#
_symmetry.space_group_name_H-M   'P 21 21 21'
#
loop_
_entity.id
_entity.type
_entity.pdbx_description
1 polymer 'Peptidyl-prolyl cis-trans isomerase A'
2 non-polymer 'tert-butyl [(2S)-1-{[(3S,17S)-2,16-dioxo-10,15-dioxa-1,21-diazatricyclo[15.3.1.1~5,9~]docosa-5(22),6,8-trien-3-yl]amino}-3-methyl-1-oxobutan-2-yl]carbamate'
3 water water
#
_entity_poly.entity_id   1
_entity_poly.type   'polypeptide(L)'
_entity_poly.pdbx_seq_one_letter_code
;GHMVNPTVFFDIAVDGEPLGRVSFELFADKVPKTAENFRALSTGEKGFGYKGSCFHRIIPGFMCQGGDFTRHNGTGGKSI
YGEKFEDENFILKHTGPGILSMANAGPNTNGSQFFICTAKTEWLDGKHVVFGKVKEGMNIVEAMERFGSRNGKTSKKITI
ADCGQLE
;
_entity_poly.pdbx_strand_id   A
#
loop_
_chem_comp.id
_chem_comp.type
_chem_comp.name
_chem_comp.formula
UMM non-polymer 'tert-butyl [(2S)-1-{[(3S,17S)-2,16-dioxo-10,15-dioxa-1,21-diazatricyclo[15.3.1.1~5,9~]docosa-5(22),6,8-trien-3-yl]amino}-3-methyl-1-oxobutan-2-yl]carbamate' 'C28 H42 N4 O7'
#
# COMPACT_ATOMS: atom_id res chain seq x y z
N GLY A 1 24.37 -6.87 10.85
CA GLY A 1 24.20 -8.24 10.39
C GLY A 1 23.36 -8.31 9.13
N HIS A 2 22.80 -9.49 8.86
CA HIS A 2 21.94 -9.69 7.70
C HIS A 2 20.85 -8.62 7.65
N MET A 3 20.51 -8.20 6.43
CA MET A 3 19.39 -7.30 6.24
C MET A 3 18.11 -8.04 6.56
N VAL A 4 17.40 -7.60 7.59
CA VAL A 4 16.10 -8.15 7.94
C VAL A 4 15.06 -7.31 7.20
N ASN A 5 14.17 -7.99 6.48
CA ASN A 5 13.12 -7.27 5.79
C ASN A 5 12.35 -6.42 6.80
N PRO A 6 12.12 -5.14 6.52
CA PRO A 6 11.40 -4.32 7.49
C PRO A 6 9.94 -4.72 7.62
N THR A 7 9.39 -4.43 8.78
CA THR A 7 7.96 -4.57 9.06
C THR A 7 7.42 -3.17 9.33
N VAL A 8 6.35 -2.78 8.64
CA VAL A 8 5.69 -1.52 8.92
C VAL A 8 4.24 -1.78 9.26
N PHE A 9 3.62 -0.82 9.96
CA PHE A 9 2.23 -0.94 10.34
C PHE A 9 1.42 0.26 9.88
N PHE A 10 0.14 0.02 9.61
CA PHE A 10 -0.87 1.05 9.50
C PHE A 10 -1.91 0.80 10.59
N ASP A 11 -2.26 1.86 11.32
CA ASP A 11 -3.42 1.85 12.21
C ASP A 11 -4.58 2.48 11.45
N ILE A 12 -5.61 1.69 11.16
CA ILE A 12 -6.70 2.09 10.28
C ILE A 12 -7.85 2.62 11.13
N ALA A 13 -8.50 3.68 10.63
CA ALA A 13 -9.73 4.21 11.23
C ALA A 13 -10.84 4.28 10.19
N VAL A 14 -12.07 4.20 10.65
CA VAL A 14 -13.27 4.21 9.82
C VAL A 14 -14.14 5.34 10.33
N ASP A 15 -14.33 6.39 9.52
CA ASP A 15 -15.00 7.62 9.97
C ASP A 15 -14.42 8.10 11.31
N GLY A 16 -13.10 8.00 11.44
CA GLY A 16 -12.43 8.46 12.64
C GLY A 16 -12.43 7.49 13.81
N GLU A 17 -13.11 6.35 13.71
CA GLU A 17 -13.15 5.37 14.80
C GLU A 17 -12.10 4.31 14.57
N PRO A 18 -11.28 3.96 15.56
CA PRO A 18 -10.24 2.95 15.33
C PRO A 18 -10.84 1.62 14.88
N LEU A 19 -10.21 1.02 13.88
CA LEU A 19 -10.59 -0.29 13.40
C LEU A 19 -9.57 -1.35 13.80
N GLY A 20 -8.30 -1.14 13.46
CA GLY A 20 -7.27 -2.05 13.88
C GLY A 20 -5.99 -1.81 13.10
N ARG A 21 -5.02 -2.70 13.31
CA ARG A 21 -3.67 -2.55 12.75
C ARG A 21 -3.43 -3.60 11.68
N VAL A 22 -2.85 -3.15 10.56
CA VAL A 22 -2.33 -4.03 9.50
C VAL A 22 -0.83 -3.88 9.51
N SER A 23 -0.10 -4.99 9.55
CA SER A 23 1.34 -4.92 9.43
CA SER A 23 1.35 -4.97 9.47
C SER A 23 1.78 -5.65 8.17
N PHE A 24 2.87 -5.17 7.59
CA PHE A 24 3.37 -5.67 6.32
C PHE A 24 4.84 -6.03 6.42
N GLU A 25 5.22 -7.15 5.81
CA GLU A 25 6.63 -7.41 5.51
C GLU A 25 6.96 -6.76 4.17
N LEU A 26 8.03 -5.98 4.13
CA LEU A 26 8.50 -5.36 2.89
C LEU A 26 9.71 -6.14 2.39
N PHE A 27 9.67 -6.57 1.13
CA PHE A 27 10.69 -7.47 0.59
C PHE A 27 11.91 -6.68 0.09
N ALA A 28 12.59 -6.05 1.05
CA ALA A 28 13.81 -5.30 0.74
C ALA A 28 14.91 -6.20 0.19
N ASP A 29 14.87 -7.50 0.51
CA ASP A 29 15.83 -8.43 -0.06
C ASP A 29 15.68 -8.61 -1.57
N LYS A 30 14.48 -8.37 -2.11
CA LYS A 30 14.24 -8.57 -3.54
C LYS A 30 13.98 -7.29 -4.30
N VAL A 31 13.35 -6.29 -3.68
CA VAL A 31 13.06 -5.00 -4.33
C VAL A 31 13.45 -3.88 -3.38
N PRO A 32 14.76 -3.64 -3.18
CA PRO A 32 15.18 -2.71 -2.12
C PRO A 32 14.72 -1.28 -2.35
N LYS A 33 14.77 -0.77 -3.58
CA LYS A 33 14.38 0.62 -3.80
C LYS A 33 12.89 0.83 -3.57
N THR A 34 12.07 -0.15 -3.96
CA THR A 34 10.62 -0.03 -3.80
C THR A 34 10.22 -0.22 -2.35
N ALA A 35 10.85 -1.19 -1.66
CA ALA A 35 10.59 -1.38 -0.24
C ALA A 35 10.99 -0.15 0.56
N GLU A 36 12.13 0.47 0.23
CA GLU A 36 12.61 1.61 1.00
C GLU A 36 11.68 2.81 0.85
N ASN A 37 11.15 3.02 -0.36
CA ASN A 37 10.18 4.10 -0.58
C ASN A 37 8.98 3.94 0.36
N PHE A 38 8.39 2.74 0.37
CA PHE A 38 7.21 2.52 1.22
C PHE A 38 7.57 2.62 2.69
N ARG A 39 8.72 2.08 3.08
CA ARG A 39 9.14 2.15 4.49
C ARG A 39 9.27 3.58 4.95
N ALA A 40 9.98 4.41 4.19
CA ALA A 40 10.19 5.80 4.58
C ALA A 40 8.90 6.60 4.56
N LEU A 41 8.01 6.34 3.59
CA LEU A 41 6.71 7.00 3.61
C LEU A 41 5.89 6.59 4.82
N SER A 42 6.09 5.35 5.32
CA SER A 42 5.34 4.87 6.47
C SER A 42 5.86 5.47 7.77
N THR A 43 7.17 5.77 7.88
CA THR A 43 7.67 6.41 9.09
C THR A 43 7.51 7.92 9.04
N GLY A 44 7.35 8.50 7.86
CA GLY A 44 7.33 9.94 7.72
C GLY A 44 8.66 10.64 7.86
N GLU A 45 9.77 9.89 7.84
CA GLU A 45 11.06 10.45 8.22
C GLU A 45 11.58 11.52 7.24
N LYS A 46 11.07 11.57 6.00
CA LYS A 46 11.46 12.64 5.09
C LYS A 46 10.60 13.89 5.25
N GLY A 47 9.60 13.87 6.13
CA GLY A 47 8.73 15.01 6.32
C GLY A 47 7.41 14.91 5.58
N PHE A 48 7.15 13.79 4.91
CA PHE A 48 5.88 13.54 4.24
C PHE A 48 5.69 12.03 4.23
N GLY A 49 4.45 11.61 3.98
CA GLY A 49 4.19 10.17 3.91
C GLY A 49 2.72 9.85 4.16
N TYR A 50 2.49 8.60 4.58
CA TYR A 50 1.14 8.05 4.60
C TYR A 50 0.28 8.47 5.78
N LYS A 51 0.86 8.96 6.88
CA LYS A 51 0.04 9.25 8.06
C LYS A 51 -1.02 10.30 7.74
N GLY A 52 -2.29 9.96 8.04
CA GLY A 52 -3.39 10.85 7.79
C GLY A 52 -4.03 10.70 6.43
N SER A 53 -3.47 9.90 5.54
CA SER A 53 -4.01 9.71 4.20
C SER A 53 -5.13 8.67 4.22
N CYS A 54 -5.83 8.55 3.09
CA CYS A 54 -7.01 7.70 3.02
C CYS A 54 -6.85 6.58 1.98
N PHE A 55 -7.69 5.57 2.08
CA PHE A 55 -7.84 4.60 1.00
C PHE A 55 -8.98 5.10 0.13
N HIS A 56 -8.64 5.63 -1.05
CA HIS A 56 -9.64 6.30 -1.86
C HIS A 56 -10.47 5.34 -2.72
N ARG A 57 -9.98 4.13 -3.00
CA ARG A 57 -10.68 3.22 -3.88
C ARG A 57 -10.61 1.82 -3.28
N ILE A 58 -11.78 1.22 -3.03
CA ILE A 58 -11.85 -0.12 -2.46
C ILE A 58 -12.89 -0.90 -3.24
N ILE A 59 -12.46 -2.00 -3.87
CA ILE A 59 -13.34 -2.81 -4.70
C ILE A 59 -13.38 -4.19 -4.07
N PRO A 60 -14.48 -4.56 -3.41
CA PRO A 60 -14.60 -5.89 -2.80
C PRO A 60 -14.37 -6.97 -3.85
N GLY A 61 -13.60 -7.99 -3.46
CA GLY A 61 -13.22 -9.06 -4.36
C GLY A 61 -12.05 -8.74 -5.25
N PHE A 62 -11.39 -7.60 -5.05
CA PHE A 62 -10.27 -7.18 -5.88
C PHE A 62 -9.14 -6.61 -5.01
N MET A 63 -9.29 -5.37 -4.53
CA MET A 63 -8.16 -4.73 -3.85
C MET A 63 -8.62 -3.48 -3.12
N CYS A 64 -7.77 -3.00 -2.21
CA CYS A 64 -7.86 -1.70 -1.55
C CYS A 64 -6.68 -0.83 -1.99
N GLN A 65 -6.96 0.40 -2.46
CA GLN A 65 -5.90 1.25 -3.00
C GLN A 65 -5.77 2.50 -2.15
N GLY A 66 -4.52 2.85 -1.83
CA GLY A 66 -4.26 4.06 -1.06
C GLY A 66 -2.95 4.70 -1.48
N GLY A 67 -2.42 5.57 -0.63
CA GLY A 67 -1.14 6.20 -0.83
C GLY A 67 -1.15 7.55 -1.51
N ASP A 68 -2.31 8.09 -1.88
CA ASP A 68 -2.35 9.42 -2.47
C ASP A 68 -2.48 10.43 -1.34
N PHE A 69 -1.34 10.76 -0.74
CA PHE A 69 -1.34 11.66 0.40
C PHE A 69 -1.33 13.13 -0.01
N THR A 70 -1.22 13.44 -1.30
CA THR A 70 -1.20 14.83 -1.73
C THR A 70 -2.53 15.32 -2.26
N ARG A 71 -3.30 14.48 -2.94
CA ARG A 71 -4.57 14.91 -3.51
C ARG A 71 -5.76 14.07 -3.04
N HIS A 72 -5.54 12.98 -2.33
CA HIS A 72 -6.58 12.28 -1.58
C HIS A 72 -7.63 11.62 -2.46
N ASN A 73 -7.35 11.43 -3.73
CA ASN A 73 -8.37 10.92 -4.64
C ASN A 73 -7.83 10.01 -5.72
N GLY A 74 -6.54 9.72 -5.73
CA GLY A 74 -5.96 8.88 -6.76
C GLY A 74 -5.21 9.64 -7.85
N THR A 75 -5.23 10.98 -7.81
CA THR A 75 -4.52 11.77 -8.82
C THR A 75 -3.15 12.27 -8.36
N GLY A 76 -2.78 12.06 -7.10
CA GLY A 76 -1.53 12.59 -6.58
C GLY A 76 -0.59 11.53 -6.02
N GLY A 77 0.21 11.95 -5.06
CA GLY A 77 1.24 11.12 -4.45
C GLY A 77 2.62 11.50 -4.93
N LYS A 78 3.62 11.12 -4.15
CA LYS A 78 5.00 11.30 -4.58
C LYS A 78 5.89 10.34 -3.82
N SER A 79 6.94 9.91 -4.52
CA SER A 79 7.93 9.03 -3.96
C SER A 79 8.93 9.82 -3.12
N ILE A 80 9.87 9.10 -2.50
CA ILE A 80 10.96 9.72 -1.76
C ILE A 80 12.13 10.11 -2.66
N TYR A 81 12.04 9.92 -3.97
CA TYR A 81 13.18 10.07 -4.88
C TYR A 81 13.16 11.37 -5.68
N GLY A 82 12.21 12.26 -5.41
CA GLY A 82 12.15 13.53 -6.12
C GLY A 82 11.53 13.45 -7.50
N GLU A 83 11.04 12.27 -7.90
CA GLU A 83 10.48 11.99 -9.20
C GLU A 83 9.85 10.61 -9.13
N LYS A 84 8.96 10.32 -10.07
CA LYS A 84 8.47 8.95 -10.19
C LYS A 84 9.62 8.04 -10.60
N PHE A 85 9.61 6.81 -10.10
CA PHE A 85 10.75 5.91 -10.26
C PHE A 85 10.40 4.63 -11.02
N GLU A 86 11.47 3.95 -11.42
CA GLU A 86 11.39 2.81 -12.32
C GLU A 86 10.69 1.62 -11.68
N ASP A 87 10.12 0.77 -12.52
CA ASP A 87 9.73 -0.58 -12.10
C ASP A 87 11.02 -1.34 -11.80
N GLU A 88 11.24 -1.69 -10.53
CA GLU A 88 12.54 -2.22 -10.12
C GLU A 88 12.77 -3.61 -10.71
N ASN A 89 11.82 -4.50 -10.52
CA ASN A 89 11.81 -5.80 -11.18
C ASN A 89 10.39 -6.33 -11.00
N PHE A 90 10.09 -7.44 -11.69
CA PHE A 90 8.82 -8.14 -11.55
C PHE A 90 9.04 -9.55 -11.04
N ILE A 91 10.02 -9.74 -10.15
CA ILE A 91 10.33 -11.07 -9.64
C ILE A 91 9.14 -11.66 -8.91
N LEU A 92 8.51 -10.86 -8.04
CA LEU A 92 7.42 -11.34 -7.20
C LEU A 92 6.08 -11.17 -7.93
N LYS A 93 5.18 -12.12 -7.70
CA LYS A 93 3.93 -12.21 -8.45
C LYS A 93 2.74 -11.96 -7.55
N HIS A 94 1.59 -11.69 -8.19
CA HIS A 94 0.34 -11.40 -7.46
C HIS A 94 -0.31 -12.75 -7.24
N THR A 95 -0.01 -13.36 -6.09
CA THR A 95 -0.36 -14.75 -5.85
C THR A 95 -1.65 -14.95 -5.09
N GLY A 96 -2.20 -13.91 -4.46
CA GLY A 96 -3.38 -14.09 -3.65
C GLY A 96 -3.64 -12.89 -2.77
N PRO A 97 -4.60 -13.01 -1.86
CA PRO A 97 -4.89 -11.93 -0.90
C PRO A 97 -3.66 -11.57 -0.08
N GLY A 98 -3.56 -10.29 0.27
CA GLY A 98 -2.50 -9.80 1.12
C GLY A 98 -1.29 -9.26 0.39
N ILE A 99 -1.17 -9.49 -0.92
CA ILE A 99 -0.05 -8.96 -1.68
C ILE A 99 -0.12 -7.45 -1.71
N LEU A 100 1.04 -6.81 -1.49
CA LEU A 100 1.19 -5.36 -1.54
C LEU A 100 1.98 -5.00 -2.79
N SER A 101 1.41 -4.13 -3.63
CA SER A 101 1.95 -3.88 -4.95
C SER A 101 1.78 -2.39 -5.31
N MET A 102 2.62 -1.91 -6.23
CA MET A 102 2.61 -0.50 -6.60
C MET A 102 1.55 -0.20 -7.65
N ALA A 103 0.77 0.85 -7.42
CA ALA A 103 -0.06 1.43 -8.48
C ALA A 103 0.83 2.23 -9.42
N ASN A 104 0.39 2.42 -10.67
CA ASN A 104 1.22 3.21 -11.59
C ASN A 104 0.38 3.70 -12.75
N ALA A 105 1.01 4.55 -13.57
CA ALA A 105 0.36 5.23 -14.69
C ALA A 105 1.05 4.90 -16.01
N GLY A 106 1.73 3.76 -16.09
CA GLY A 106 2.54 3.44 -17.25
C GLY A 106 3.86 2.85 -16.81
N PRO A 107 4.69 2.43 -17.78
CA PRO A 107 6.00 1.87 -17.39
C PRO A 107 6.81 2.90 -16.63
N ASN A 108 7.43 2.46 -15.53
CA ASN A 108 8.42 3.29 -14.83
C ASN A 108 7.82 4.61 -14.31
N THR A 109 6.66 4.50 -13.66
CA THR A 109 5.97 5.66 -13.11
C THR A 109 5.55 5.46 -11.66
N ASN A 110 6.36 4.79 -10.85
CA ASN A 110 6.01 4.57 -9.45
C ASN A 110 6.16 5.83 -8.61
N GLY A 111 5.17 6.07 -7.75
CA GLY A 111 5.17 7.22 -6.86
C GLY A 111 5.01 6.74 -5.43
N SER A 112 3.87 7.04 -4.82
CA SER A 112 3.53 6.55 -3.49
C SER A 112 2.28 5.68 -3.46
N GLN A 113 1.45 5.69 -4.50
CA GLN A 113 0.21 4.91 -4.46
C GLN A 113 0.50 3.42 -4.56
N PHE A 114 -0.30 2.64 -3.85
CA PHE A 114 -0.13 1.20 -3.72
C PHE A 114 -1.50 0.56 -3.58
N PHE A 115 -1.53 -0.78 -3.68
CA PHE A 115 -2.76 -1.51 -3.41
C PHE A 115 -2.46 -2.78 -2.63
N ILE A 116 -3.45 -3.17 -1.84
CA ILE A 116 -3.44 -4.43 -1.09
C ILE A 116 -4.47 -5.34 -1.73
N CYS A 117 -4.01 -6.47 -2.26
CA CYS A 117 -4.92 -7.38 -2.94
C CYS A 117 -5.82 -8.09 -1.93
N THR A 118 -7.08 -8.30 -2.31
CA THR A 118 -7.98 -9.15 -1.52
C THR A 118 -8.37 -10.40 -2.29
N ALA A 119 -7.72 -10.62 -3.42
CA ALA A 119 -7.92 -11.79 -4.26
C ALA A 119 -6.63 -11.95 -5.06
N LYS A 120 -6.48 -13.11 -5.70
CA LYS A 120 -5.37 -13.30 -6.61
C LYS A 120 -5.58 -12.44 -7.85
N THR A 121 -4.57 -11.68 -8.24
CA THR A 121 -4.69 -10.76 -9.37
C THR A 121 -3.54 -10.98 -10.37
N GLU A 122 -3.45 -12.19 -10.89
CA GLU A 122 -2.28 -12.60 -11.66
C GLU A 122 -2.14 -11.83 -12.97
N TRP A 123 -3.23 -11.26 -13.49
CA TRP A 123 -3.14 -10.46 -14.71
C TRP A 123 -2.33 -9.18 -14.53
N LEU A 124 -2.00 -8.82 -13.29
CA LEU A 124 -1.16 -7.66 -13.01
C LEU A 124 0.34 -8.01 -13.01
N ASP A 125 0.69 -9.29 -13.10
CA ASP A 125 2.10 -9.70 -13.07
C ASP A 125 2.83 -9.10 -14.25
N GLY A 126 4.02 -8.56 -14.00
CA GLY A 126 4.79 -7.93 -15.04
C GLY A 126 4.38 -6.52 -15.39
N LYS A 127 3.38 -5.98 -14.68
CA LYS A 127 2.89 -4.62 -14.87
C LYS A 127 2.99 -3.79 -13.61
N HIS A 128 2.78 -4.39 -12.45
CA HIS A 128 2.83 -3.72 -11.16
C HIS A 128 3.86 -4.44 -10.31
N VAL A 129 4.73 -3.66 -9.65
CA VAL A 129 5.81 -4.21 -8.84
C VAL A 129 5.27 -4.64 -7.47
N VAL A 130 5.31 -5.94 -7.20
CA VAL A 130 5.01 -6.49 -5.89
C VAL A 130 6.22 -6.31 -4.98
N PHE A 131 5.98 -5.79 -3.76
CA PHE A 131 7.10 -5.44 -2.90
C PHE A 131 6.84 -5.77 -1.44
N GLY A 132 5.70 -6.37 -1.09
CA GLY A 132 5.47 -6.76 0.29
C GLY A 132 4.24 -7.63 0.38
N LYS A 133 3.88 -7.95 1.63
CA LYS A 133 2.69 -8.73 1.90
C LYS A 133 2.22 -8.43 3.32
N VAL A 134 0.91 -8.52 3.51
CA VAL A 134 0.36 -8.43 4.87
C VAL A 134 0.93 -9.56 5.70
N LYS A 135 1.43 -9.21 6.88
CA LYS A 135 2.03 -10.08 7.87
C LYS A 135 1.02 -10.43 8.97
N GLU A 136 0.33 -9.42 9.49
CA GLU A 136 -0.69 -9.59 10.52
C GLU A 136 -1.79 -8.59 10.22
N GLY A 137 -3.00 -8.94 10.63
CA GLY A 137 -4.12 -8.05 10.41
C GLY A 137 -4.76 -8.12 9.03
N MET A 138 -4.63 -9.25 8.32
CA MET A 138 -5.42 -9.41 7.11
C MET A 138 -6.91 -9.29 7.41
N ASN A 139 -7.31 -9.66 8.63
CA ASN A 139 -8.70 -9.48 9.04
C ASN A 139 -9.11 -8.01 9.03
N ILE A 140 -8.18 -7.10 9.30
CA ILE A 140 -8.48 -5.67 9.26
C ILE A 140 -8.66 -5.21 7.82
N VAL A 141 -7.84 -5.73 6.90
CA VAL A 141 -8.05 -5.48 5.48
C VAL A 141 -9.41 -6.00 5.03
N GLU A 142 -9.79 -7.19 5.49
CA GLU A 142 -11.11 -7.72 5.17
C GLU A 142 -12.23 -6.83 5.70
N ALA A 143 -12.04 -6.25 6.88
CA ALA A 143 -13.03 -5.32 7.41
C ALA A 143 -13.10 -4.04 6.58
N MET A 144 -11.94 -3.49 6.20
CA MET A 144 -11.91 -2.32 5.31
C MET A 144 -12.66 -2.59 4.01
N GLU A 145 -12.44 -3.78 3.46
CA GLU A 145 -12.96 -4.13 2.14
C GLU A 145 -14.47 -3.99 2.11
N ARG A 146 -15.16 -4.25 3.23
CA ARG A 146 -16.60 -4.19 3.26
C ARG A 146 -17.15 -2.78 3.04
N PHE A 147 -16.31 -1.75 3.20
CA PHE A 147 -16.72 -0.37 2.96
C PHE A 147 -16.49 0.08 1.53
N GLY A 148 -16.04 -0.81 0.65
CA GLY A 148 -15.92 -0.50 -0.76
C GLY A 148 -17.20 -0.77 -1.53
N SER A 149 -17.09 -0.68 -2.85
CA SER A 149 -18.24 -0.87 -3.73
C SER A 149 -17.71 -1.23 -5.12
N ARG A 150 -18.64 -1.56 -6.01
CA ARG A 150 -18.25 -1.97 -7.37
C ARG A 150 -17.41 -0.91 -8.06
N ASN A 151 -17.80 0.36 -7.96
CA ASN A 151 -17.04 1.42 -8.62
C ASN A 151 -15.88 1.94 -7.80
N GLY A 152 -15.67 1.38 -6.61
CA GLY A 152 -14.53 1.73 -5.78
C GLY A 152 -14.79 2.80 -4.75
N LYS A 153 -15.89 3.54 -4.85
CA LYS A 153 -16.19 4.58 -3.88
C LYS A 153 -16.44 3.96 -2.51
N THR A 154 -15.85 4.54 -1.47
CA THR A 154 -16.03 4.00 -0.13
C THR A 154 -17.26 4.62 0.53
N SER A 155 -17.95 3.81 1.35
CA SER A 155 -19.16 4.27 2.03
C SER A 155 -18.88 4.90 3.38
N LYS A 156 -17.67 4.74 3.89
CA LYS A 156 -17.18 5.46 5.05
C LYS A 156 -15.74 5.86 4.72
N LYS A 157 -15.22 6.82 5.47
CA LYS A 157 -13.89 7.35 5.22
C LYS A 157 -12.86 6.43 5.87
N ILE A 158 -11.98 5.83 5.08
CA ILE A 158 -11.02 4.83 5.55
C ILE A 158 -9.65 5.51 5.57
N THR A 159 -9.09 5.69 6.78
CA THR A 159 -7.87 6.47 6.91
C THR A 159 -6.76 5.68 7.60
N ILE A 160 -5.54 6.09 7.31
CA ILE A 160 -4.35 5.65 8.03
C ILE A 160 -4.15 6.63 9.18
N ALA A 161 -4.70 6.30 10.35
CA ALA A 161 -4.61 7.20 11.49
C ALA A 161 -3.20 7.32 12.03
N ASP A 162 -2.42 6.25 11.96
CA ASP A 162 -1.02 6.26 12.35
C ASP A 162 -0.32 5.20 11.50
N CYS A 163 0.99 5.34 11.37
CA CYS A 163 1.78 4.32 10.69
C CYS A 163 3.23 4.50 11.11
N GLY A 164 4.02 3.47 10.88
CA GLY A 164 5.42 3.53 11.24
C GLY A 164 6.06 2.16 11.09
N GLN A 165 7.22 2.02 11.70
CA GLN A 165 8.01 0.81 11.54
C GLN A 165 8.09 0.09 12.86
N LEU A 166 7.92 -1.23 12.81
CA LEU A 166 8.02 -2.08 14.00
C LEU A 166 9.43 -2.70 14.06
C8 UMM B . -2.80 8.04 -16.69
C7 UMM B . -4.18 8.10 -15.97
N2 UMM B . -4.31 0.87 -9.83
C1 UMM B . -3.84 4.81 -11.56
C6 UMM B . -3.42 6.81 -14.00
C5 UMM B . -1.38 7.70 -10.67
C4 UMM B . -1.69 5.49 -9.54
C3 UMM B . -2.37 6.58 -10.40
C17 UMM B . -7.96 0.49 -9.99
C18 UMM B . -4.19 1.71 -13.13
C19 UMM B . -5.15 0.56 -13.24
C20 UMM B . -4.70 -0.76 -13.04
C10 UMM B . -4.85 9.46 -16.22
C11 UMM B . -3.52 1.45 -10.72
C12 UMM B . -4.14 2.38 -11.75
C13 UMM B . -6.15 -1.08 -8.89
C14 UMM B . -4.63 -1.41 -8.97
C15 UMM B . -3.84 -0.11 -8.82
C16 UMM B . -6.50 0.02 -9.92
C2 UMM B . -2.85 5.94 -11.73
C21 UMM B . -5.60 -1.84 -13.13
C22 UMM B . -6.97 -1.59 -13.42
C23 UMM B . -7.41 -0.26 -13.61
C24 UMM B . -6.51 0.80 -13.52
C25 UMM B . -10.12 -0.31 -10.27
C26 UMM B . -9.98 -0.31 -11.75
C27 UMM B . -9.74 -1.01 -14.01
C28 UMM B . -10.06 -1.36 -12.58
C9 UMM B . -5.08 6.98 -16.52
N1 UMM B . -3.40 6.91 -12.65
N3 UMM B . -5.69 1.21 -9.82
N4 UMM B . -3.38 3.60 -11.84
O1 UMM B . -5.00 5.01 -11.19
O2 UMM B . -4.02 7.87 -14.57
O3 UMM B . -2.94 5.83 -14.56
O4 UMM B . -2.31 1.21 -10.76
O5 UMM B . -8.75 -0.57 -10.05
O6 UMM B . -8.31 1.68 -10.06
O7 UMM B . -8.74 0.02 -13.91
#